data_2W5H
#
_entry.id   2W5H
#
_cell.length_a   99.739
_cell.length_b   56.962
_cell.length_c   80.612
_cell.angle_alpha   90.00
_cell.angle_beta   133.36
_cell.angle_gamma   90.00
#
_symmetry.space_group_name_H-M   'C 1 2 1'
#
loop_
_entity.id
_entity.type
_entity.pdbx_description
1 polymer 'SERINE/THREONINE-PROTEIN KINASE NEK2'
2 water water
#
_entity_poly.entity_id   1
_entity_poly.type   'polypeptide(L)'
_entity_poly.pdbx_seq_one_letter_code
;MPSRAEDYEVLYTIGTGSYGRCQKIRRKSDGKILVWKELDYGSMTEAEKQMLVSEVNLLRELKHPNIVRYYDRIIDRTNT
TLYIVMEYCEGGDLASVITKGTKERQYLDEEFVLRVMTQLTLALKECHRRSDGGHTVLHRDLKPANVFLDGKQNVKLGDF
GLARILNHDTSFAKAFVGTPYYMSPEQMNRMSYNEKSDIWSLGCLLYELCALMPPFTAFSQKELAGKIREGKFRRIPYRY
SDELNEIITRMLNLKDYHRPSVEEILENPLILEHHHHHH
;
_entity_poly.pdbx_strand_id   A
#
# COMPACT_ATOMS: atom_id res chain seq x y z
N SER A 3 -11.49 8.47 -22.35
CA SER A 3 -10.51 8.84 -23.36
C SER A 3 -10.21 10.32 -23.35
N ARG A 4 -11.21 11.15 -23.00
CA ARG A 4 -11.02 12.61 -22.94
C ARG A 4 -11.16 13.21 -21.53
N ALA A 5 -10.42 14.28 -21.26
CA ALA A 5 -10.45 14.98 -19.99
C ALA A 5 -11.81 15.64 -19.77
N GLU A 6 -12.51 15.96 -20.86
CA GLU A 6 -13.82 16.62 -20.79
C GLU A 6 -14.91 15.65 -20.34
N ASP A 7 -14.60 14.36 -20.31
CA ASP A 7 -15.56 13.35 -19.89
C ASP A 7 -15.68 13.31 -18.36
N TYR A 8 -14.85 14.09 -17.69
CA TYR A 8 -14.85 14.15 -16.22
C TYR A 8 -14.86 15.59 -15.71
N GLU A 9 -15.30 15.79 -14.48
CA GLU A 9 -15.18 17.08 -13.83
C GLU A 9 -14.43 16.97 -12.52
N VAL A 10 -13.37 17.76 -12.38
CA VAL A 10 -12.64 17.82 -11.14
C VAL A 10 -13.53 18.45 -10.06
N LEU A 11 -13.77 17.69 -9.00
CA LEU A 11 -14.44 18.21 -7.82
C LEU A 11 -13.47 19.05 -7.00
N TYR A 12 -12.31 18.45 -6.67
CA TYR A 12 -11.30 19.15 -5.89
C TYR A 12 -10.05 18.28 -5.70
N THR A 13 -8.95 18.93 -5.35
CA THR A 13 -7.68 18.26 -5.13
C THR A 13 -7.68 17.57 -3.78
N ILE A 14 -7.36 16.29 -3.77
CA ILE A 14 -7.39 15.50 -2.55
C ILE A 14 -6.07 15.67 -1.84
N GLY A 15 -5.01 15.54 -2.61
CA GLY A 15 -3.68 15.70 -2.07
C GLY A 15 -2.70 15.79 -3.22
N THR A 16 -1.67 16.60 -3.03
CA THR A 16 -0.59 16.67 -4.00
C THR A 16 0.42 15.56 -3.69
N GLY A 17 0.60 14.66 -4.65
CA GLY A 17 1.58 13.60 -4.51
C GLY A 17 2.97 14.15 -4.73
N SER A 18 3.98 13.29 -4.55
CA SER A 18 5.36 13.71 -4.77
C SER A 18 5.57 13.93 -6.26
N TYR A 19 4.71 13.31 -7.06
CA TYR A 19 4.84 13.32 -8.50
C TYR A 19 3.56 13.80 -9.19
N GLY A 20 2.91 14.79 -8.60
CA GLY A 20 1.74 15.39 -9.18
C GLY A 20 0.52 15.30 -8.29
N ARG A 21 -0.53 16.02 -8.67
CA ARG A 21 -1.75 16.07 -7.87
C ARG A 21 -2.64 14.85 -8.01
N CYS A 22 -3.28 14.48 -6.91
CA CYS A 22 -4.36 13.52 -6.93
C CYS A 22 -5.67 14.29 -6.81
N GLN A 23 -6.65 14.01 -7.66
CA GLN A 23 -7.89 14.79 -7.62
C GLN A 23 -9.14 13.94 -7.59
N LYS A 24 -10.13 14.38 -6.84
CA LYS A 24 -11.41 13.70 -6.80
C LYS A 24 -12.19 14.20 -8.00
N ILE A 25 -12.68 13.28 -8.83
CA ILE A 25 -13.36 13.66 -10.06
C ILE A 25 -14.69 12.93 -10.24
N ARG A 26 -15.56 13.52 -11.05
CA ARG A 26 -16.86 12.92 -11.34
C ARG A 26 -17.01 12.66 -12.84
N ARG A 27 -17.24 11.41 -13.20
CA ARG A 27 -17.45 11.06 -14.60
C ARG A 27 -18.84 11.53 -15.06
N LYS A 28 -18.88 12.27 -16.16
CA LYS A 28 -20.12 12.94 -16.57
C LYS A 28 -21.26 12.00 -16.95
N SER A 29 -20.94 10.92 -17.66
CA SER A 29 -21.95 9.98 -18.14
C SER A 29 -22.89 9.48 -17.05
N ASP A 30 -22.34 9.05 -15.92
CA ASP A 30 -23.15 8.50 -14.84
C ASP A 30 -22.94 9.15 -13.47
N GLY A 31 -22.01 10.10 -13.39
CA GLY A 31 -21.73 10.77 -12.13
C GLY A 31 -20.92 9.91 -11.18
N LYS A 32 -20.24 8.91 -11.72
CA LYS A 32 -19.42 8.00 -10.95
C LYS A 32 -18.27 8.76 -10.30
N ILE A 33 -18.25 8.82 -8.97
CA ILE A 33 -17.11 9.43 -8.27
C ILE A 33 -15.84 8.59 -8.37
N LEU A 34 -14.75 9.24 -8.78
CA LEU A 34 -13.46 8.59 -9.01
C LEU A 34 -12.32 9.52 -8.62
N VAL A 35 -11.08 9.07 -8.84
CA VAL A 35 -9.95 9.98 -8.71
C VAL A 35 -9.08 9.86 -9.95
N TRP A 36 -8.19 10.82 -10.15
CA TRP A 36 -7.14 10.64 -11.13
C TRP A 36 -5.83 11.19 -10.60
N LYS A 37 -4.73 10.66 -11.14
CA LYS A 37 -3.42 11.11 -10.76
C LYS A 37 -2.84 11.91 -11.92
N GLU A 38 -2.39 13.12 -11.60
CA GLU A 38 -1.90 14.08 -12.59
C GLU A 38 -0.39 13.98 -12.74
N LEU A 39 0.06 13.55 -13.91
CA LEU A 39 1.48 13.29 -14.14
C LEU A 39 2.00 14.08 -15.34
N ASP A 40 2.90 15.02 -15.06
CA ASP A 40 3.48 15.85 -16.11
C ASP A 40 4.70 15.19 -16.70
N TYR A 41 4.51 14.55 -17.86
CA TYR A 41 5.60 13.85 -18.56
C TYR A 41 6.45 14.77 -19.44
N GLY A 42 6.31 16.08 -19.26
CA GLY A 42 6.98 17.05 -20.11
C GLY A 42 8.50 16.94 -20.19
N SER A 43 9.13 16.47 -19.13
CA SER A 43 10.59 16.35 -19.07
C SER A 43 11.11 14.93 -19.26
N MET A 44 10.23 14.03 -19.67
CA MET A 44 10.61 12.63 -19.84
C MET A 44 11.15 12.36 -21.22
N THR A 45 12.01 11.34 -21.32
CA THR A 45 12.51 10.88 -22.61
C THR A 45 11.56 9.88 -23.26
N GLU A 46 11.73 9.68 -24.57
CA GLU A 46 10.92 8.73 -25.32
C GLU A 46 11.00 7.35 -24.70
N ALA A 47 12.11 7.08 -24.00
CA ALA A 47 12.34 5.79 -23.37
C ALA A 47 11.59 5.66 -22.06
N GLU A 48 11.64 6.71 -21.24
CA GLU A 48 10.95 6.73 -19.96
C GLU A 48 9.45 6.60 -20.16
N LYS A 49 8.95 7.24 -21.21
CA LYS A 49 7.53 7.22 -21.52
C LYS A 49 7.06 5.87 -22.06
N GLN A 50 7.98 5.06 -22.58
CA GLN A 50 7.64 3.74 -23.09
C GLN A 50 7.58 2.75 -21.93
N MET A 51 8.56 2.86 -21.04
CA MET A 51 8.57 2.07 -19.81
C MET A 51 7.42 2.49 -18.91
N LEU A 52 7.00 3.75 -19.04
CA LEU A 52 5.85 4.25 -18.31
C LEU A 52 4.54 3.70 -18.86
N VAL A 53 4.48 3.50 -20.18
CA VAL A 53 3.35 2.84 -20.82
C VAL A 53 3.25 1.37 -20.41
N SER A 54 4.38 0.67 -20.44
CA SER A 54 4.45 -0.74 -20.06
C SER A 54 3.80 -1.01 -18.71
N GLU A 55 3.94 -0.05 -17.81
CA GLU A 55 3.45 -0.17 -16.43
C GLU A 55 1.97 0.15 -16.30
N VAL A 56 1.53 1.19 -17.01
CA VAL A 56 0.12 1.53 -17.03
C VAL A 56 -0.66 0.34 -17.56
N ASN A 57 -0.05 -0.41 -18.48
CA ASN A 57 -0.70 -1.56 -19.08
C ASN A 57 -0.77 -2.73 -18.11
N LEU A 58 0.31 -2.96 -17.37
CA LEU A 58 0.32 -3.98 -16.32
C LEU A 58 -0.68 -3.62 -15.22
N LEU A 59 -0.71 -2.34 -14.85
CA LEU A 59 -1.69 -1.81 -13.92
C LEU A 59 -3.10 -2.09 -14.44
N ARG A 60 -3.30 -1.80 -15.72
CA ARG A 60 -4.58 -2.03 -16.37
C ARG A 60 -5.02 -3.49 -16.16
N GLU A 61 -4.05 -4.38 -15.99
CA GLU A 61 -4.31 -5.82 -16.01
C GLU A 61 -4.67 -6.43 -14.65
N LEU A 62 -4.45 -5.68 -13.57
CA LEU A 62 -4.91 -6.13 -12.25
C LEU A 62 -6.40 -5.90 -12.06
N LYS A 63 -7.11 -6.99 -11.81
CA LYS A 63 -8.50 -6.90 -11.41
C LYS A 63 -8.75 -7.74 -10.17
N HIS A 64 -8.76 -7.06 -9.04
CA HIS A 64 -8.93 -7.71 -7.76
C HIS A 64 -9.68 -6.77 -6.80
N PRO A 65 -10.67 -7.30 -6.06
CA PRO A 65 -11.43 -6.50 -5.10
C PRO A 65 -10.56 -5.80 -4.08
N ASN A 66 -9.36 -6.33 -3.84
CA ASN A 66 -8.49 -5.80 -2.82
C ASN A 66 -7.28 -5.08 -3.41
N ILE A 67 -7.40 -4.67 -4.66
CA ILE A 67 -6.39 -3.85 -5.31
C ILE A 67 -7.07 -2.64 -5.94
N VAL A 68 -6.53 -1.45 -5.71
CA VAL A 68 -7.16 -0.24 -6.23
C VAL A 68 -7.40 -0.37 -7.74
N ARG A 69 -8.66 -0.25 -8.13
CA ARG A 69 -9.05 -0.47 -9.51
CA ARG A 69 -9.06 -0.47 -9.51
C ARG A 69 -8.61 0.66 -10.45
N TYR A 70 -7.95 0.29 -11.53
CA TYR A 70 -7.60 1.22 -12.58
C TYR A 70 -8.85 1.39 -13.46
N TYR A 71 -9.10 2.61 -13.95
CA TYR A 71 -10.28 2.86 -14.78
C TYR A 71 -10.01 3.36 -16.20
N ASP A 72 -9.02 4.23 -16.36
CA ASP A 72 -8.89 4.94 -17.61
C ASP A 72 -7.58 5.71 -17.70
N ARG A 73 -7.14 5.94 -18.93
CA ARG A 73 -6.01 6.81 -19.21
C ARG A 73 -6.53 8.02 -19.94
N ILE A 74 -5.87 9.16 -19.74
CA ILE A 74 -6.16 10.36 -20.49
C ILE A 74 -4.86 11.14 -20.70
N ILE A 75 -4.64 11.59 -21.93
CA ILE A 75 -3.52 12.46 -22.24
C ILE A 75 -4.01 13.86 -22.64
N ASP A 76 -3.42 14.87 -22.00
CA ASP A 76 -3.62 16.26 -22.38
C ASP A 76 -2.28 16.80 -22.84
N ARG A 77 -2.00 16.67 -24.13
CA ARG A 77 -0.70 17.09 -24.66
C ARG A 77 -0.40 18.58 -24.53
N THR A 78 -1.45 19.39 -24.36
CA THR A 78 -1.27 20.84 -24.29
C THR A 78 -0.48 21.23 -23.04
N ASN A 79 -0.77 20.56 -21.94
CA ASN A 79 -0.01 20.77 -20.70
C ASN A 79 0.94 19.61 -20.44
N THR A 80 1.04 18.70 -21.42
CA THR A 80 1.86 17.48 -21.32
C THR A 80 1.52 16.72 -20.04
N THR A 81 0.22 16.59 -19.78
CA THR A 81 -0.23 15.92 -18.57
C THR A 81 -0.91 14.60 -18.89
N LEU A 82 -0.46 13.56 -18.20
CA LEU A 82 -1.13 12.27 -18.24
C LEU A 82 -1.97 12.12 -16.98
N TYR A 83 -3.26 11.83 -17.16
CA TYR A 83 -4.15 11.54 -16.04
C TYR A 83 -4.42 10.05 -15.94
N ILE A 84 -4.29 9.51 -14.74
CA ILE A 84 -4.62 8.10 -14.54
C ILE A 84 -5.83 8.00 -13.63
N VAL A 85 -6.94 7.53 -14.20
CA VAL A 85 -8.21 7.48 -13.49
C VAL A 85 -8.28 6.21 -12.64
N MET A 86 -8.66 6.38 -11.39
CA MET A 86 -8.68 5.27 -10.45
CA MET A 86 -8.68 5.27 -10.44
C MET A 86 -9.89 5.33 -9.53
N GLU A 87 -10.18 4.19 -8.93
CA GLU A 87 -11.21 4.01 -7.92
C GLU A 87 -11.04 5.03 -6.80
N TYR A 88 -12.13 5.58 -6.28
CA TYR A 88 -12.04 6.49 -5.15
C TYR A 88 -12.24 5.70 -3.87
N CYS A 89 -11.34 5.89 -2.92
CA CYS A 89 -11.39 5.17 -1.66
C CYS A 89 -11.70 6.15 -0.54
N GLU A 90 -12.98 6.18 -0.18
CA GLU A 90 -13.56 7.14 0.75
C GLU A 90 -12.94 7.17 2.14
N GLY A 91 -12.36 6.06 2.60
CA GLY A 91 -11.84 6.00 3.95
C GLY A 91 -10.42 6.50 4.08
N GLY A 92 -9.80 6.86 2.97
CA GLY A 92 -8.44 7.35 2.97
C GLY A 92 -7.42 6.23 3.09
N ASP A 93 -6.20 6.59 3.49
CA ASP A 93 -5.11 5.63 3.65
C ASP A 93 -4.90 5.22 5.10
N LEU A 94 -4.13 4.16 5.30
CA LEU A 94 -3.86 3.63 6.63
C LEU A 94 -2.91 4.49 7.50
N ALA A 95 -2.07 5.30 6.87
CA ALA A 95 -1.20 6.20 7.62
C ALA A 95 -2.03 7.20 8.41
N SER A 96 -3.06 7.74 7.77
CA SER A 96 -3.96 8.67 8.43
C SER A 96 -4.73 8.00 9.57
N VAL A 97 -5.10 6.74 9.36
CA VAL A 97 -5.78 5.97 10.40
C VAL A 97 -4.86 5.81 11.60
N ILE A 98 -3.62 5.46 11.31
CA ILE A 98 -2.60 5.22 12.33
C ILE A 98 -2.25 6.51 13.05
N THR A 99 -2.22 7.62 12.32
CA THR A 99 -1.98 8.93 12.91
C THR A 99 -3.09 9.29 13.86
N LYS A 100 -4.31 9.04 13.41
CA LYS A 100 -5.52 9.29 14.18
C LYS A 100 -5.51 8.49 15.49
N GLY A 101 -5.06 7.25 15.42
CA GLY A 101 -4.94 6.41 16.60
C GLY A 101 -3.96 6.98 17.61
N THR A 102 -2.90 7.62 17.13
CA THR A 102 -1.94 8.29 18.02
C THR A 102 -2.52 9.57 18.62
N LYS A 103 -2.97 10.48 17.76
CA LYS A 103 -3.57 11.72 18.21
C LYS A 103 -4.55 11.46 19.35
N GLU A 104 -5.55 10.60 19.09
CA GLU A 104 -6.63 10.31 20.03
C GLU A 104 -6.28 9.18 20.99
N ARG A 105 -5.00 8.83 21.00
CA ARG A 105 -4.45 7.85 21.95
C ARG A 105 -5.32 6.61 22.13
N GLN A 106 -5.86 6.11 21.02
CA GLN A 106 -6.73 4.94 21.06
C GLN A 106 -6.34 3.93 19.98
N TYR A 107 -6.32 2.67 20.38
CA TYR A 107 -5.92 1.57 19.52
C TYR A 107 -7.06 1.10 18.61
N LEU A 108 -6.69 0.60 17.44
CA LEU A 108 -7.64 0.10 16.46
C LEU A 108 -8.19 -1.26 16.87
N ASP A 109 -9.49 -1.47 16.65
CA ASP A 109 -10.14 -2.74 16.96
C ASP A 109 -9.40 -3.90 16.31
N GLU A 110 -9.26 -4.99 17.05
CA GLU A 110 -8.63 -6.19 16.49
C GLU A 110 -9.35 -6.63 15.21
N GLU A 111 -10.67 -6.49 15.18
CA GLU A 111 -11.45 -6.84 13.99
C GLU A 111 -10.97 -6.11 12.75
N PHE A 112 -10.59 -4.85 12.93
CA PHE A 112 -10.04 -4.04 11.85
C PHE A 112 -8.70 -4.57 11.36
N VAL A 113 -7.87 -5.01 12.29
CA VAL A 113 -6.55 -5.54 11.97
C VAL A 113 -6.70 -6.85 11.19
N LEU A 114 -7.67 -7.65 11.60
CA LEU A 114 -7.97 -8.90 10.91
C LEU A 114 -8.43 -8.64 9.48
N ARG A 115 -9.24 -7.60 9.29
CA ARG A 115 -9.68 -7.21 7.95
C ARG A 115 -8.50 -6.84 7.06
N VAL A 116 -7.63 -5.96 7.56
CA VAL A 116 -6.44 -5.59 6.81
C VAL A 116 -5.54 -6.80 6.53
N MET A 117 -5.38 -7.66 7.53
CA MET A 117 -4.52 -8.82 7.36
C MET A 117 -5.07 -9.71 6.26
N THR A 118 -6.37 -9.97 6.32
CA THR A 118 -7.02 -10.87 5.39
C THR A 118 -7.00 -10.30 3.98
N GLN A 119 -7.47 -9.08 3.84
CA GLN A 119 -7.64 -8.47 2.54
C GLN A 119 -6.30 -8.08 1.89
N LEU A 120 -5.33 -7.65 2.70
CA LEU A 120 -3.98 -7.43 2.16
C LEU A 120 -3.27 -8.71 1.73
N THR A 121 -3.44 -9.79 2.49
CA THR A 121 -2.84 -11.07 2.10
C THR A 121 -3.38 -11.54 0.76
N LEU A 122 -4.69 -11.38 0.58
CA LEU A 122 -5.34 -11.71 -0.68
C LEU A 122 -4.84 -10.82 -1.83
N ALA A 123 -4.60 -9.54 -1.53
CA ALA A 123 -3.99 -8.66 -2.51
C ALA A 123 -2.59 -9.14 -2.91
N LEU A 124 -1.75 -9.45 -1.92
CA LEU A 124 -0.43 -10.00 -2.19
C LEU A 124 -0.48 -11.26 -3.06
N LYS A 125 -1.39 -12.18 -2.75
CA LYS A 125 -1.45 -13.44 -3.48
C LYS A 125 -1.75 -13.19 -4.96
N GLU A 126 -2.59 -12.19 -5.22
CA GLU A 126 -2.86 -11.77 -6.58
C GLU A 126 -1.60 -11.19 -7.24
N CYS A 127 -0.93 -10.28 -6.55
CA CYS A 127 0.33 -9.72 -7.05
C CYS A 127 1.37 -10.79 -7.36
N HIS A 128 1.56 -11.70 -6.41
CA HIS A 128 2.47 -12.82 -6.60
C HIS A 128 2.11 -13.68 -7.82
N ARG A 129 0.81 -13.86 -8.05
CA ARG A 129 0.37 -14.72 -9.14
C ARG A 129 0.79 -14.14 -10.47
N ARG A 130 0.76 -12.81 -10.56
CA ARG A 130 1.04 -12.10 -11.80
C ARG A 130 2.53 -11.81 -12.02
N SER A 131 3.39 -12.41 -11.21
CA SER A 131 4.83 -12.27 -11.40
C SER A 131 5.35 -13.31 -12.38
N HIS A 139 5.50 -3.30 -8.13
CA HIS A 139 5.07 -2.32 -7.14
C HIS A 139 4.10 -2.91 -6.12
N ARG A 140 4.64 -3.45 -5.03
CA ARG A 140 3.80 -3.91 -3.94
C ARG A 140 4.48 -3.56 -2.63
N ASP A 141 4.84 -2.29 -2.48
CA ASP A 141 5.50 -1.81 -1.28
C ASP A 141 4.41 -1.47 -0.25
N LEU A 142 4.50 -2.13 0.89
CA LEU A 142 3.39 -2.22 1.82
C LEU A 142 3.42 -1.20 2.95
N LYS A 143 3.64 0.06 2.64
CA LYS A 143 3.52 1.09 3.65
C LYS A 143 2.06 1.51 3.80
N PRO A 144 1.69 1.98 5.01
CA PRO A 144 0.36 2.51 5.33
C PRO A 144 -0.18 3.46 4.27
N ALA A 145 0.69 4.31 3.73
CA ALA A 145 0.28 5.32 2.77
C ALA A 145 -0.18 4.74 1.43
N ASN A 146 0.20 3.48 1.18
CA ASN A 146 -0.15 2.78 -0.06
C ASN A 146 -1.35 1.85 0.12
N VAL A 147 -1.97 1.90 1.29
CA VAL A 147 -3.12 1.04 1.57
C VAL A 147 -4.35 1.86 1.89
N PHE A 148 -5.44 1.58 1.19
CA PHE A 148 -6.64 2.43 1.27
C PHE A 148 -7.86 1.69 1.79
N LEU A 149 -8.81 2.47 2.31
CA LEU A 149 -10.08 1.94 2.75
C LEU A 149 -11.21 2.56 1.94
N ASP A 150 -12.16 1.76 1.48
CA ASP A 150 -13.35 2.30 0.84
C ASP A 150 -14.44 2.50 1.90
N GLY A 151 -15.71 2.62 1.49
CA GLY A 151 -16.76 2.93 2.44
C GLY A 151 -17.53 1.73 2.96
N LYS A 152 -17.06 0.54 2.59
CA LYS A 152 -17.75 -0.69 2.92
C LYS A 152 -16.85 -1.66 3.69
N GLN A 153 -15.89 -1.11 4.44
CA GLN A 153 -14.93 -1.91 5.21
C GLN A 153 -14.06 -2.76 4.31
N ASN A 154 -13.86 -2.29 3.08
CA ASN A 154 -12.94 -2.97 2.19
C ASN A 154 -11.57 -2.34 2.19
N VAL A 155 -10.56 -3.19 2.09
CA VAL A 155 -9.18 -2.78 2.12
C VAL A 155 -8.55 -3.04 0.76
N LYS A 156 -7.88 -2.03 0.23
CA LYS A 156 -7.28 -2.13 -1.08
C LYS A 156 -5.84 -1.67 -1.08
N LEU A 157 -4.99 -2.43 -1.76
CA LEU A 157 -3.61 -2.05 -1.94
C LEU A 157 -3.48 -1.14 -3.15
N GLY A 158 -2.75 -0.05 -2.99
CA GLY A 158 -2.57 0.90 -4.06
C GLY A 158 -1.20 1.54 -4.09
N ASP A 159 -0.17 0.74 -4.33
CA ASP A 159 1.16 1.27 -4.54
C ASP A 159 1.20 1.83 -5.95
N PHE A 160 1.54 3.12 -6.06
CA PHE A 160 1.54 3.80 -7.34
C PHE A 160 2.97 4.15 -7.76
N GLY A 161 3.87 3.18 -7.63
CA GLY A 161 5.27 3.37 -7.98
C GLY A 161 5.50 3.87 -9.39
N LEU A 162 4.53 3.61 -10.28
CA LEU A 162 4.51 4.22 -11.61
C LEU A 162 5.17 5.58 -11.57
N ALA A 163 4.57 6.44 -10.76
CA ALA A 163 4.90 7.85 -10.68
C ALA A 163 6.39 8.15 -10.46
N ARG A 164 7.14 7.15 -10.00
CA ARG A 164 8.57 7.33 -9.76
C ARG A 164 9.29 7.87 -10.99
N HIS A 168 13.08 12.46 -10.89
CA HIS A 168 14.08 11.60 -10.30
C HIS A 168 14.84 12.34 -9.21
N ASP A 169 14.64 13.64 -9.13
CA ASP A 169 15.18 14.45 -8.05
C ASP A 169 14.34 14.22 -6.82
N THR A 170 13.05 14.00 -7.04
CA THR A 170 12.10 13.80 -5.96
C THR A 170 11.98 12.31 -5.67
N SER A 171 12.54 11.50 -6.57
CA SER A 171 12.59 10.07 -6.37
C SER A 171 13.93 9.69 -5.75
N PHE A 172 14.93 10.55 -5.93
CA PHE A 172 16.23 10.35 -5.30
C PHE A 172 16.18 10.65 -3.80
N ALA A 173 15.55 11.78 -3.46
CA ALA A 173 15.44 12.23 -2.08
C ALA A 173 14.57 11.29 -1.24
N LYS A 174 13.54 10.74 -1.88
CA LYS A 174 12.62 9.84 -1.19
C LYS A 174 13.28 8.49 -0.94
N ALA A 175 14.15 8.09 -1.86
CA ALA A 175 14.86 6.82 -1.70
C ALA A 175 16.01 6.98 -0.71
N PHE A 176 16.45 8.23 -0.56
CA PHE A 176 17.66 8.50 0.22
C PHE A 176 17.38 9.07 1.62
N VAL A 177 16.43 9.99 1.71
CA VAL A 177 16.09 10.60 2.99
C VAL A 177 15.16 9.68 3.79
N GLY A 178 14.31 8.95 3.08
CA GLY A 178 13.34 8.06 3.69
C GLY A 178 13.92 6.85 4.42
N THR A 179 13.31 6.51 5.55
CA THR A 179 13.75 5.38 6.34
C THR A 179 12.98 4.08 6.03
N PRO A 180 13.71 3.00 5.71
CA PRO A 180 13.17 1.70 5.31
C PRO A 180 12.72 0.83 6.50
N TYR A 181 11.77 1.33 7.28
CA TYR A 181 11.25 0.61 8.44
C TYR A 181 10.86 -0.84 8.15
N TYR A 182 10.43 -1.09 6.92
CA TYR A 182 9.83 -2.38 6.54
C TYR A 182 10.81 -3.29 5.77
N MET A 183 12.10 -2.98 5.84
CA MET A 183 13.08 -3.73 5.07
C MET A 183 13.42 -5.07 5.71
N SER A 184 13.09 -6.16 5.02
CA SER A 184 13.38 -7.49 5.53
C SER A 184 14.88 -7.67 5.65
N PRO A 185 15.31 -8.62 6.50
CA PRO A 185 16.72 -8.96 6.66
C PRO A 185 17.38 -9.42 5.35
N GLU A 186 16.70 -10.26 4.58
CA GLU A 186 17.23 -10.75 3.30
C GLU A 186 17.48 -9.62 2.31
N GLN A 187 16.52 -8.71 2.23
CA GLN A 187 16.60 -7.64 1.24
C GLN A 187 17.66 -6.62 1.64
N MET A 188 18.03 -6.64 2.91
CA MET A 188 19.18 -5.87 3.39
C MET A 188 20.50 -6.42 2.82
N ASN A 189 20.58 -7.73 2.66
CA ASN A 189 21.83 -8.39 2.26
C ASN A 189 21.75 -8.91 0.82
N SER A 192 16.77 -10.01 -4.53
CA SER A 192 15.92 -10.47 -5.60
C SER A 192 14.48 -10.62 -5.14
N TYR A 193 13.62 -10.99 -6.10
CA TYR A 193 12.25 -11.42 -5.83
C TYR A 193 12.25 -12.47 -4.70
N ASN A 194 11.36 -12.29 -3.74
CA ASN A 194 11.22 -13.24 -2.63
C ASN A 194 9.90 -12.94 -1.97
N GLU A 195 8.90 -13.76 -2.26
CA GLU A 195 7.56 -13.54 -1.78
C GLU A 195 7.49 -13.48 -0.25
N LYS A 196 8.38 -14.23 0.41
CA LYS A 196 8.44 -14.22 1.88
C LYS A 196 8.90 -12.86 2.41
N SER A 197 9.50 -12.06 1.55
CA SER A 197 9.90 -10.71 1.96
C SER A 197 8.66 -9.84 2.07
N ASP A 198 7.63 -10.17 1.30
CA ASP A 198 6.40 -9.39 1.37
C ASP A 198 5.62 -9.72 2.64
N ILE A 199 5.75 -10.96 3.12
CA ILE A 199 5.15 -11.40 4.38
C ILE A 199 5.74 -10.61 5.56
N TRP A 200 7.05 -10.37 5.49
CA TRP A 200 7.74 -9.57 6.50
C TRP A 200 7.22 -8.14 6.51
N SER A 201 7.18 -7.50 5.33
CA SER A 201 6.57 -6.18 5.18
C SER A 201 5.14 -6.14 5.72
N LEU A 202 4.33 -7.15 5.41
CA LEU A 202 2.96 -7.20 5.92
C LEU A 202 2.99 -7.28 7.43
N GLY A 203 3.89 -8.10 7.97
CA GLY A 203 4.03 -8.24 9.41
C GLY A 203 4.33 -6.91 10.06
N CYS A 204 5.26 -6.16 9.48
CA CYS A 204 5.61 -4.81 9.92
C CYS A 204 4.43 -3.87 9.84
N LEU A 205 3.68 -3.94 8.75
CA LEU A 205 2.49 -3.11 8.60
C LEU A 205 1.46 -3.43 9.68
N LEU A 206 1.18 -4.70 9.92
CA LEU A 206 0.10 -5.05 10.84
C LEU A 206 0.52 -4.75 12.26
N TYR A 207 1.82 -4.89 12.54
CA TYR A 207 2.37 -4.60 13.85
C TYR A 207 2.13 -3.12 14.14
N GLU A 208 2.38 -2.27 13.14
CA GLU A 208 2.26 -0.83 13.32
C GLU A 208 0.79 -0.46 13.49
N LEU A 209 -0.09 -1.19 12.82
CA LEU A 209 -1.52 -1.02 12.98
C LEU A 209 -1.95 -1.35 14.41
N CYS A 210 -1.23 -2.28 15.05
CA CYS A 210 -1.55 -2.67 16.42
C CYS A 210 -0.90 -1.76 17.47
N ALA A 211 0.43 -1.57 17.38
CA ALA A 211 1.19 -0.82 18.37
C ALA A 211 1.25 0.67 18.08
N LEU A 212 0.79 1.03 16.89
CA LEU A 212 0.82 2.42 16.43
C LEU A 212 2.25 2.93 16.27
N MET A 213 3.21 2.01 16.21
CA MET A 213 4.58 2.35 15.87
C MET A 213 5.15 1.12 15.16
N PRO A 214 6.17 1.31 14.31
CA PRO A 214 6.79 0.18 13.61
C PRO A 214 7.52 -0.70 14.62
N PRO A 215 7.71 -2.00 14.30
CA PRO A 215 8.39 -2.97 15.16
C PRO A 215 9.85 -2.59 15.44
N PHE A 216 10.52 -2.03 14.44
CA PHE A 216 11.91 -1.57 14.58
C PHE A 216 12.02 -0.09 14.26
N THR A 217 12.68 0.64 15.15
CA THR A 217 12.80 2.08 15.01
C THR A 217 14.20 2.51 15.39
N ALA A 218 14.67 3.56 14.75
CA ALA A 218 16.03 4.02 14.94
C ALA A 218 16.19 5.42 14.37
N PHE A 219 17.24 6.10 14.81
CA PHE A 219 17.55 7.43 14.30
C PHE A 219 18.62 7.40 13.22
N SER A 220 18.95 6.19 12.76
CA SER A 220 19.99 6.00 11.76
C SER A 220 19.78 4.68 11.05
N GLN A 221 20.01 4.63 9.74
CA GLN A 221 19.75 3.41 8.99
C GLN A 221 20.63 2.25 9.39
N LYS A 222 21.78 2.58 9.95
CA LYS A 222 22.73 1.57 10.42
C LYS A 222 22.32 0.98 11.74
N GLU A 223 21.72 1.83 12.58
CA GLU A 223 21.20 1.41 13.89
CA GLU A 223 21.20 1.40 13.90
C GLU A 223 19.91 0.63 13.66
N LEU A 224 19.18 1.01 12.62
CA LEU A 224 17.96 0.31 12.21
C LEU A 224 18.33 -1.08 11.64
N ALA A 225 19.37 -1.15 10.82
CA ALA A 225 19.82 -2.45 10.31
C ALA A 225 20.19 -3.41 11.45
N GLY A 226 20.91 -2.92 12.45
CA GLY A 226 21.27 -3.73 13.59
C GLY A 226 20.03 -4.26 14.30
N LYS A 227 19.08 -3.37 14.57
CA LYS A 227 17.82 -3.74 15.21
C LYS A 227 17.09 -4.83 14.43
N ILE A 228 16.94 -4.62 13.13
CA ILE A 228 16.26 -5.56 12.25
C ILE A 228 16.94 -6.93 12.22
N ARG A 229 18.26 -6.95 12.27
CA ARG A 229 19.03 -8.20 12.23
C ARG A 229 18.87 -9.05 13.48
N GLU A 230 18.69 -8.40 14.63
CA GLU A 230 18.41 -9.11 15.87
C GLU A 230 17.00 -9.72 15.89
N GLY A 231 16.06 -9.08 15.20
CA GLY A 231 14.71 -9.60 15.07
C GLY A 231 13.94 -9.55 16.37
N LYS A 232 14.21 -8.53 17.18
CA LYS A 232 13.54 -8.39 18.46
C LYS A 232 12.68 -7.14 18.48
N PHE A 233 11.49 -7.27 19.04
CA PHE A 233 10.52 -6.19 19.05
C PHE A 233 9.63 -6.39 20.25
N ARG A 234 8.88 -5.36 20.63
CA ARG A 234 7.98 -5.51 21.75
C ARG A 234 6.77 -6.31 21.29
N ARG A 235 6.11 -6.97 22.22
CA ARG A 235 4.83 -7.57 21.91
C ARG A 235 3.87 -6.44 21.59
N ILE A 236 2.93 -6.67 20.69
CA ILE A 236 1.89 -5.68 20.45
C ILE A 236 1.09 -5.50 21.75
N PRO A 237 0.29 -4.43 21.86
CA PRO A 237 -0.47 -4.24 23.09
C PRO A 237 -1.29 -5.46 23.49
N TYR A 238 -1.47 -5.63 24.80
CA TYR A 238 -2.15 -6.79 25.39
C TYR A 238 -3.65 -6.88 25.11
N ARG A 239 -4.23 -5.78 24.62
CA ARG A 239 -5.62 -5.83 24.17
C ARG A 239 -5.78 -6.73 22.96
N TYR A 240 -4.67 -7.01 22.26
CA TYR A 240 -4.71 -7.91 21.11
C TYR A 240 -4.44 -9.34 21.52
N SER A 241 -5.20 -10.26 20.94
CA SER A 241 -5.17 -11.67 21.30
C SER A 241 -3.80 -12.27 21.07
N ASP A 242 -3.51 -13.32 21.83
CA ASP A 242 -2.25 -14.05 21.68
C ASP A 242 -2.15 -14.65 20.28
N GLU A 243 -3.30 -14.99 19.71
CA GLU A 243 -3.33 -15.54 18.34
C GLU A 243 -2.87 -14.51 17.33
N LEU A 244 -3.39 -13.30 17.44
CA LEU A 244 -3.00 -12.23 16.54
C LEU A 244 -1.51 -11.96 16.74
N ASN A 245 -1.06 -11.95 17.99
CA ASN A 245 0.35 -11.66 18.26
C ASN A 245 1.26 -12.73 17.66
N GLU A 246 0.80 -13.97 17.72
CA GLU A 246 1.54 -15.10 17.18
C GLU A 246 1.77 -14.98 15.67
N ILE A 247 0.69 -14.71 14.94
CA ILE A 247 0.76 -14.68 13.48
C ILE A 247 1.66 -13.52 13.04
N ILE A 248 1.43 -12.35 13.62
CA ILE A 248 2.29 -11.21 13.36
C ILE A 248 3.77 -11.52 13.69
N THR A 249 4.01 -12.15 14.83
CA THR A 249 5.37 -12.51 15.22
C THR A 249 5.99 -13.47 14.22
N ARG A 250 5.17 -14.40 13.75
CA ARG A 250 5.61 -15.37 12.75
C ARG A 250 6.01 -14.69 11.43
N MET A 251 5.26 -13.67 11.01
CA MET A 251 5.63 -12.95 9.78
C MET A 251 6.93 -12.17 9.98
N LEU A 252 7.25 -11.81 11.22
CA LEU A 252 8.47 -11.07 11.50
C LEU A 252 9.64 -11.99 11.88
N ASN A 253 9.58 -13.25 11.45
CA ASN A 253 10.69 -14.18 11.70
C ASN A 253 11.92 -13.86 10.86
N LEU A 254 13.10 -14.03 11.44
CA LEU A 254 14.37 -13.79 10.73
C LEU A 254 14.55 -14.68 9.49
N LYS A 255 14.08 -15.92 9.56
CA LYS A 255 14.13 -16.83 8.44
C LYS A 255 12.91 -16.65 7.54
N ASP A 256 13.18 -16.30 6.28
CA ASP A 256 12.11 -16.19 5.30
C ASP A 256 11.25 -17.44 5.28
N TYR A 257 11.88 -18.61 5.40
CA TYR A 257 11.18 -19.90 5.35
C TYR A 257 10.41 -20.26 6.64
N HIS A 258 10.57 -19.48 7.70
CA HIS A 258 9.75 -19.68 8.92
C HIS A 258 8.50 -18.82 8.92
N ARG A 259 8.48 -17.78 8.09
CA ARG A 259 7.29 -16.96 7.92
C ARG A 259 6.18 -17.74 7.23
N PRO A 260 4.92 -17.42 7.56
CA PRO A 260 3.79 -18.09 6.92
C PRO A 260 3.70 -17.69 5.45
N SER A 261 3.30 -18.62 4.59
CA SER A 261 2.93 -18.28 3.23
C SER A 261 1.55 -17.64 3.29
N VAL A 262 1.16 -17.00 2.19
CA VAL A 262 -0.19 -16.48 1.99
C VAL A 262 -1.27 -17.52 2.36
N GLU A 263 -1.11 -18.74 1.85
CA GLU A 263 -2.03 -19.83 2.15
C GLU A 263 -2.11 -20.18 3.64
N GLU A 264 -0.95 -20.24 4.30
CA GLU A 264 -0.88 -20.58 5.71
C GLU A 264 -1.51 -19.48 6.56
N ILE A 265 -1.38 -18.25 6.07
CA ILE A 265 -1.96 -17.11 6.76
C ILE A 265 -3.49 -17.22 6.74
N LEU A 266 -4.05 -17.41 5.55
CA LEU A 266 -5.51 -17.50 5.37
C LEU A 266 -6.15 -18.71 6.04
N GLU A 267 -5.34 -19.75 6.31
CA GLU A 267 -5.82 -20.91 7.04
C GLU A 267 -5.90 -20.67 8.55
N ASN A 268 -5.47 -19.48 8.99
CA ASN A 268 -5.53 -19.21 10.43
C ASN A 268 -6.97 -19.04 10.91
N PRO A 269 -7.32 -19.69 12.04
CA PRO A 269 -8.66 -19.67 12.63
C PRO A 269 -9.17 -18.26 12.96
N LEU A 270 -8.26 -17.28 13.01
CA LEU A 270 -8.64 -15.89 13.22
C LEU A 270 -9.44 -15.31 12.05
N ILE A 271 -9.12 -15.78 10.84
CA ILE A 271 -9.64 -15.22 9.60
C ILE A 271 -10.99 -15.83 9.22
N LEU A 272 -12.04 -15.01 9.28
CA LEU A 272 -13.39 -15.46 8.99
C LEU A 272 -13.93 -14.76 7.75
N GLU A 273 -15.06 -15.22 7.25
CA GLU A 273 -15.64 -14.69 6.01
C GLU A 273 -15.82 -13.16 6.04
N HIS A 274 -16.38 -12.66 7.13
CA HIS A 274 -16.69 -11.24 7.27
C HIS A 274 -15.46 -10.31 7.28
N HIS A 275 -14.26 -10.88 7.46
CA HIS A 275 -13.02 -10.12 7.34
C HIS A 275 -12.64 -9.87 5.87
N HIS A 276 -13.28 -10.59 4.95
CA HIS A 276 -13.02 -10.44 3.52
C HIS A 276 -13.77 -9.27 2.95
N HIS A 277 -13.52 -8.98 1.68
CA HIS A 277 -14.19 -7.87 1.01
C HIS A 277 -15.67 -8.15 0.87
N HIS A 278 -16.45 -7.08 0.90
CA HIS A 278 -17.88 -7.16 0.58
C HIS A 278 -18.23 -5.94 -0.23
N HIS A 279 -18.56 -6.15 -1.49
CA HIS A 279 -18.87 -5.04 -2.37
C HIS A 279 -20.35 -5.09 -2.70
#